data_5XUN
#
_entry.id   5XUN
#
_cell.length_a   52.869
_cell.length_b   52.869
_cell.length_c   255.296
_cell.angle_alpha   90.00
_cell.angle_beta   90.00
_cell.angle_gamma   120.00
#
_symmetry.space_group_name_H-M   'P 31 2 1'
#
loop_
_entity.id
_entity.type
_entity.pdbx_description
1 polymer Acetyltransferase
2 non-polymer 'ACETYL COENZYME *A'
3 non-polymer 'ACETATE ION'
4 water water
#
_entity_poly.entity_id   1
_entity_poly.type   'polypeptide(L)'
_entity_poly.pdbx_seq_one_letter_code
;MEQQLTIEMIADAFSYDITGFDCGEEALNTFLKEHLKRQHDGQILRGYALVSGDTVPRLLGYYTLSGSCFERGMLPSKTQ
QKKIPYQNAPSVTLGRLAIDKSVQGQGWGEMLVAHVMRVVWGASKAVGIYGLFVEALNEKAKAFFLRLGFIQLVDENSNL
LFYPTKSIEQLFTDDES
;
_entity_poly.pdbx_strand_id   A,B
#
loop_
_chem_comp.id
_chem_comp.type
_chem_comp.name
_chem_comp.formula
ACO non-polymer 'ACETYL COENZYME *A' 'C23 H38 N7 O17 P3 S'
ACT non-polymer 'ACETATE ION' 'C2 H3 O2 -1'
#
# COMPACT_ATOMS: atom_id res chain seq x y z
N GLN A 3 -16.13 -8.48 -23.87
CA GLN A 3 -14.72 -8.43 -24.27
C GLN A 3 -14.15 -9.83 -24.49
N GLN A 4 -13.22 -9.94 -25.44
CA GLN A 4 -12.56 -11.21 -25.76
C GLN A 4 -11.60 -11.70 -24.68
N LEU A 5 -10.83 -10.80 -24.16
CA LEU A 5 -9.93 -11.07 -23.07
C LEU A 5 -10.45 -10.38 -21.82
N THR A 6 -10.20 -10.97 -20.65
CA THR A 6 -10.64 -10.36 -19.41
C THR A 6 -9.49 -10.34 -18.41
N ILE A 7 -9.57 -9.40 -17.49
CA ILE A 7 -8.53 -9.17 -16.50
C ILE A 7 -9.01 -9.70 -15.16
N GLU A 8 -8.15 -10.46 -14.48
CA GLU A 8 -8.49 -11.00 -13.18
C GLU A 8 -7.23 -11.08 -12.34
N MET A 9 -7.41 -11.05 -11.04
CA MET A 9 -6.32 -11.42 -10.15
C MET A 9 -5.94 -12.86 -10.43
N ILE A 10 -4.66 -13.16 -10.42
CA ILE A 10 -4.25 -14.51 -10.78
C ILE A 10 -4.87 -15.48 -9.79
N ALA A 11 -5.51 -16.53 -10.32
CA ALA A 11 -6.24 -17.46 -9.48
C ALA A 11 -5.29 -18.29 -8.64
N ASP A 12 -5.79 -18.74 -7.48
CA ASP A 12 -4.98 -19.53 -6.55
C ASP A 12 -4.40 -20.78 -7.20
N ALA A 13 -5.15 -21.40 -8.12
CA ALA A 13 -4.65 -22.60 -8.78
C ALA A 13 -3.62 -22.32 -9.88
N PHE A 14 -3.63 -21.13 -10.47
CA PHE A 14 -2.68 -20.74 -11.52
C PHE A 14 -2.62 -21.77 -12.65
N SER A 15 -3.80 -22.18 -13.12
CA SER A 15 -3.93 -23.14 -14.21
C SER A 15 -3.94 -22.45 -15.56
N TYR A 16 -3.17 -21.39 -15.73
CA TYR A 16 -3.15 -20.67 -17.00
C TYR A 16 -2.16 -21.33 -17.96
N ASP A 17 -2.48 -21.28 -19.24
CA ASP A 17 -1.54 -21.72 -20.27
C ASP A 17 -0.59 -20.56 -20.57
N ILE A 18 0.64 -20.67 -20.08
CA ILE A 18 1.65 -19.63 -20.26
C ILE A 18 2.79 -20.09 -21.15
N THR A 19 2.69 -21.28 -21.76
CA THR A 19 3.84 -21.84 -22.46
C THR A 19 4.27 -20.98 -23.64
N GLY A 20 3.32 -20.41 -24.39
CA GLY A 20 3.62 -19.60 -25.55
C GLY A 20 3.76 -18.11 -25.29
N PHE A 21 3.74 -17.66 -24.04
CA PHE A 21 3.78 -16.23 -23.77
C PHE A 21 5.14 -15.64 -24.10
N ASP A 22 5.14 -14.54 -24.84
CA ASP A 22 6.38 -13.85 -25.21
C ASP A 22 6.03 -12.39 -25.46
N CYS A 23 6.40 -11.52 -24.52
CA CYS A 23 6.16 -10.09 -24.68
C CYS A 23 7.30 -9.38 -25.39
N GLY A 24 8.40 -10.08 -25.69
CA GLY A 24 9.55 -9.49 -26.33
C GLY A 24 10.64 -9.01 -25.40
N GLU A 25 10.46 -9.15 -24.09
CA GLU A 25 11.49 -8.86 -23.10
C GLU A 25 11.68 -10.11 -22.26
N GLU A 26 12.85 -10.74 -22.37
CA GLU A 26 12.99 -12.07 -21.78
C GLU A 26 12.84 -12.03 -20.26
N ALA A 27 13.27 -10.94 -19.62
CA ALA A 27 13.15 -10.86 -18.16
C ALA A 27 11.70 -10.95 -17.73
N LEU A 28 10.81 -10.29 -18.46
CA LEU A 28 9.39 -10.36 -18.09
C LEU A 28 8.77 -11.69 -18.47
N ASN A 29 9.29 -12.38 -19.49
CA ASN A 29 8.81 -13.73 -19.75
C ASN A 29 9.27 -14.68 -18.67
N THR A 30 10.55 -14.62 -18.32
CA THR A 30 11.07 -15.50 -17.28
C THR A 30 10.39 -15.25 -15.95
N PHE A 31 10.09 -13.99 -15.63
CA PHE A 31 9.47 -13.70 -14.35
C PHE A 31 8.09 -14.34 -14.28
N LEU A 32 7.31 -14.21 -15.36
CA LEU A 32 6.00 -14.84 -15.43
C LEU A 32 6.06 -16.33 -15.10
N LYS A 33 6.96 -17.03 -15.74
CA LYS A 33 7.11 -18.44 -15.55
C LYS A 33 7.67 -18.93 -14.22
N GLU A 34 8.68 -18.24 -13.74
CA GLU A 34 9.45 -18.69 -12.59
C GLU A 34 9.07 -18.02 -11.27
N HIS A 35 8.66 -16.75 -11.26
CA HIS A 35 8.55 -16.02 -10.00
C HIS A 35 7.20 -15.43 -9.69
N LEU A 36 6.33 -15.20 -10.69
CA LEU A 36 5.09 -14.46 -10.47
C LEU A 36 4.23 -15.09 -9.38
N LYS A 37 3.91 -16.37 -9.52
CA LYS A 37 2.95 -16.97 -8.60
C LYS A 37 3.52 -17.07 -7.19
N ARG A 38 4.83 -17.35 -7.06
CA ARG A 38 5.39 -17.55 -5.74
C ARG A 38 5.55 -16.22 -4.99
N GLN A 39 5.82 -15.12 -5.69
CA GLN A 39 5.89 -13.84 -5.00
C GLN A 39 4.50 -13.31 -4.68
N HIS A 40 3.53 -13.62 -5.53
CA HIS A 40 2.12 -13.36 -5.22
C HIS A 40 1.70 -14.06 -3.93
N ASP A 41 2.02 -15.36 -3.82
CA ASP A 41 1.69 -16.08 -2.59
C ASP A 41 2.55 -15.60 -1.43
N GLY A 42 3.75 -15.12 -1.70
CA GLY A 42 4.61 -14.62 -0.65
C GLY A 42 4.29 -13.22 -0.17
N GLN A 43 3.22 -12.61 -0.67
CA GLN A 43 2.77 -11.29 -0.23
C GLN A 43 3.82 -10.22 -0.53
N ILE A 44 4.62 -10.47 -1.57
CA ILE A 44 5.59 -9.50 -2.08
C ILE A 44 4.95 -8.60 -3.12
N LEU A 45 3.93 -9.10 -3.78
CA LEU A 45 3.21 -8.43 -4.84
C LEU A 45 1.85 -9.11 -4.91
N ARG A 46 0.94 -8.51 -5.67
CA ARG A 46 -0.25 -9.20 -6.08
C ARG A 46 -0.31 -9.11 -7.61
N GLY A 47 -0.62 -10.22 -8.26
CA GLY A 47 -0.53 -10.35 -9.70
C GLY A 47 -1.91 -10.40 -10.32
N TYR A 48 -2.03 -9.81 -11.50
CA TYR A 48 -3.27 -9.79 -12.26
C TYR A 48 -2.92 -10.21 -13.69
N ALA A 49 -3.85 -10.89 -14.35
CA ALA A 49 -3.58 -11.46 -15.66
C ALA A 49 -4.70 -11.11 -16.64
N LEU A 50 -4.31 -10.92 -17.90
CA LEU A 50 -5.24 -10.76 -18.99
C LEU A 50 -5.37 -12.12 -19.68
N VAL A 51 -6.58 -12.69 -19.69
CA VAL A 51 -6.74 -14.11 -19.97
C VAL A 51 -7.83 -14.36 -20.99
N SER A 52 -7.67 -15.45 -21.75
CA SER A 52 -8.67 -15.89 -22.72
C SER A 52 -9.75 -16.71 -22.03
N GLY A 53 -10.76 -17.10 -22.80
CA GLY A 53 -11.85 -17.89 -22.29
C GLY A 53 -11.78 -19.38 -22.57
N ASP A 54 -10.63 -19.89 -23.04
CA ASP A 54 -10.50 -21.32 -23.27
C ASP A 54 -10.59 -22.09 -21.95
N THR A 55 -10.85 -23.40 -22.08
CA THR A 55 -10.98 -24.26 -20.89
C THR A 55 -9.75 -24.14 -20.00
N VAL A 56 -8.56 -24.28 -20.58
CA VAL A 56 -7.33 -23.79 -19.96
C VAL A 56 -7.11 -22.36 -20.44
N PRO A 57 -7.33 -21.35 -19.61
CA PRO A 57 -7.20 -19.96 -20.09
C PRO A 57 -5.76 -19.66 -20.49
N ARG A 58 -5.59 -19.03 -21.65
CA ARG A 58 -4.27 -18.58 -22.07
C ARG A 58 -4.05 -17.18 -21.52
N LEU A 59 -2.85 -16.93 -21.04
CA LEU A 59 -2.48 -15.64 -20.46
C LEU A 59 -1.86 -14.78 -21.55
N LEU A 60 -2.45 -13.63 -21.83
CA LEU A 60 -1.93 -12.73 -22.85
C LEU A 60 -1.30 -11.47 -22.28
N GLY A 61 -1.36 -11.29 -20.96
CA GLY A 61 -0.69 -10.18 -20.33
C GLY A 61 -0.84 -10.30 -18.82
N TYR A 62 0.00 -9.53 -18.12
CA TYR A 62 -0.06 -9.55 -16.66
C TYR A 62 0.59 -8.29 -16.12
N TYR A 63 0.32 -8.02 -14.83
CA TYR A 63 1.02 -6.97 -14.12
C TYR A 63 1.08 -7.30 -12.64
N THR A 64 1.98 -6.64 -11.92
CA THR A 64 2.10 -6.82 -10.48
C THR A 64 2.09 -5.46 -9.78
N LEU A 65 1.53 -5.44 -8.58
CA LEU A 65 1.47 -4.24 -7.74
C LEU A 65 2.05 -4.56 -6.36
N SER A 66 2.87 -3.64 -5.83
CA SER A 66 3.43 -3.76 -4.49
C SER A 66 3.33 -2.42 -3.77
N GLY A 67 3.02 -2.47 -2.48
CA GLY A 67 3.05 -1.27 -1.68
C GLY A 67 4.46 -0.70 -1.61
N SER A 68 4.56 0.62 -1.55
CA SER A 68 5.89 1.24 -1.59
C SER A 68 5.81 2.66 -1.06
N CYS A 69 6.96 3.34 -1.06
CA CYS A 69 7.03 4.77 -0.87
C CYS A 69 8.26 5.25 -1.63
N PHE A 70 8.34 6.56 -1.86
CA PHE A 70 9.46 7.08 -2.64
C PHE A 70 9.82 8.48 -2.17
N GLU A 71 11.09 8.85 -2.41
CA GLU A 71 11.64 10.11 -1.89
C GLU A 71 10.80 11.30 -2.33
N ARG A 72 10.44 12.15 -1.38
CA ARG A 72 9.67 13.34 -1.70
C ARG A 72 10.39 14.23 -2.70
N GLY A 73 11.73 14.23 -2.66
CA GLY A 73 12.52 15.09 -3.52
C GLY A 73 12.46 14.74 -4.99
N MET A 74 11.96 13.54 -5.28
CA MET A 74 11.81 13.09 -6.64
C MET A 74 10.81 13.95 -7.40
N LEU A 75 9.74 14.38 -6.72
CA LEU A 75 8.70 15.14 -7.41
C LEU A 75 9.28 16.41 -8.02
N PRO A 76 8.88 16.73 -9.23
CA PRO A 76 9.36 17.92 -9.90
C PRO A 76 8.93 19.24 -9.27
N SER A 77 7.69 19.30 -8.85
CA SER A 77 7.14 20.56 -8.32
C SER A 77 7.57 20.72 -6.86
N LYS A 78 8.32 21.79 -6.59
CA LYS A 78 8.69 22.09 -5.21
C LYS A 78 7.48 22.42 -4.34
N THR A 79 6.40 22.95 -4.94
CA THR A 79 5.17 23.16 -4.19
C THR A 79 4.55 21.84 -3.74
N GLN A 80 4.41 20.88 -4.67
CA GLN A 80 3.87 19.58 -4.30
C GLN A 80 4.67 18.96 -3.16
N GLN A 81 5.99 19.13 -3.19
CA GLN A 81 6.83 18.57 -2.13
C GLN A 81 6.42 19.10 -0.77
N LYS A 82 6.08 20.40 -0.69
CA LYS A 82 5.67 20.98 0.59
C LYS A 82 4.39 20.35 1.14
N LYS A 83 3.55 19.75 0.28
CA LYS A 83 2.35 19.09 0.77
C LYS A 83 2.65 17.72 1.39
N ILE A 84 3.82 17.15 1.13
CA ILE A 84 4.23 15.87 1.69
C ILE A 84 5.14 16.15 2.90
N PRO A 85 4.66 15.97 4.12
CA PRO A 85 5.41 16.41 5.31
C PRO A 85 6.52 15.47 5.75
N TYR A 86 6.92 14.51 4.94
CA TYR A 86 7.95 13.56 5.32
C TYR A 86 8.91 13.37 4.16
N GLN A 87 9.99 12.64 4.43
CA GLN A 87 10.99 12.43 3.37
C GLN A 87 10.44 11.55 2.26
N ASN A 88 9.50 10.64 2.57
CA ASN A 88 8.93 9.73 1.59
C ASN A 88 7.43 9.96 1.46
N ALA A 89 6.93 9.87 0.24
CA ALA A 89 5.52 9.87 -0.10
C ALA A 89 5.01 8.44 -0.27
N PRO A 90 3.83 8.11 0.23
CA PRO A 90 3.33 6.74 0.12
C PRO A 90 2.86 6.47 -1.30
N SER A 91 3.04 5.24 -1.74
CA SER A 91 2.72 4.89 -3.12
C SER A 91 2.40 3.41 -3.26
N VAL A 92 1.98 3.05 -4.47
CA VAL A 92 1.96 1.67 -4.96
C VAL A 92 2.89 1.62 -6.15
N THR A 93 3.66 0.54 -6.26
CA THR A 93 4.58 0.39 -7.40
C THR A 93 4.02 -0.61 -8.39
N LEU A 94 3.99 -0.21 -9.66
CA LEU A 94 3.74 -1.13 -10.76
C LEU A 94 5.05 -1.84 -11.05
N GLY A 95 5.21 -3.05 -10.49
CA GLY A 95 6.47 -3.75 -10.62
C GLY A 95 6.75 -4.21 -12.04
N ARG A 96 5.72 -4.68 -12.73
CA ARG A 96 5.87 -5.29 -14.04
C ARG A 96 4.57 -5.12 -14.79
N LEU A 97 4.68 -4.97 -16.10
CA LEU A 97 3.54 -4.96 -16.99
C LEU A 97 4.01 -5.49 -18.33
N ALA A 98 3.28 -6.44 -18.90
CA ALA A 98 3.70 -7.07 -20.15
C ALA A 98 2.49 -7.59 -20.90
N ILE A 99 2.52 -7.44 -22.21
CA ILE A 99 1.49 -7.95 -23.11
C ILE A 99 2.15 -8.90 -24.10
N ASP A 100 1.49 -10.02 -24.39
CA ASP A 100 2.05 -10.93 -25.37
C ASP A 100 2.12 -10.27 -26.74
N LYS A 101 3.21 -10.51 -27.46
CA LYS A 101 3.45 -9.84 -28.73
C LYS A 101 2.30 -10.00 -29.70
N SER A 102 1.63 -11.15 -29.68
CA SER A 102 0.55 -11.40 -30.62
C SER A 102 -0.59 -10.40 -30.51
N VAL A 103 -0.73 -9.70 -29.37
CA VAL A 103 -1.85 -8.79 -29.19
C VAL A 103 -1.35 -7.42 -28.75
N GLN A 104 -0.07 -7.15 -28.94
CA GLN A 104 0.41 -5.79 -28.72
C GLN A 104 -0.12 -4.85 -29.81
N GLY A 105 -0.15 -3.56 -29.48
CA GLY A 105 -0.68 -2.58 -30.42
C GLY A 105 -2.17 -2.59 -30.62
N GLN A 106 -2.93 -3.14 -29.66
CA GLN A 106 -4.40 -3.14 -29.75
C GLN A 106 -5.07 -2.43 -28.58
N GLY A 107 -4.32 -1.74 -27.73
CA GLY A 107 -4.91 -1.12 -26.56
C GLY A 107 -4.94 -1.97 -25.29
N TRP A 108 -4.45 -3.22 -25.35
CA TRP A 108 -4.47 -4.06 -24.14
C TRP A 108 -3.54 -3.54 -23.06
N GLY A 109 -2.34 -3.05 -23.43
CA GLY A 109 -1.47 -2.45 -22.45
C GLY A 109 -2.14 -1.29 -21.73
N GLU A 110 -2.74 -0.40 -22.51
CA GLU A 110 -3.51 0.71 -21.97
C GLU A 110 -4.65 0.21 -21.09
N MET A 111 -5.33 -0.86 -21.52
CA MET A 111 -6.45 -1.38 -20.74
C MET A 111 -5.98 -1.94 -19.40
N LEU A 112 -4.82 -2.60 -19.37
CA LEU A 112 -4.25 -3.07 -18.10
C LEU A 112 -3.89 -1.92 -17.18
N VAL A 113 -3.29 -0.86 -17.71
CA VAL A 113 -2.93 0.29 -16.88
C VAL A 113 -4.19 0.92 -16.28
N ALA A 114 -5.26 1.01 -17.06
CA ALA A 114 -6.52 1.53 -16.53
C ALA A 114 -7.03 0.66 -15.39
N HIS A 115 -6.89 -0.67 -15.54
CA HIS A 115 -7.28 -1.57 -14.45
C HIS A 115 -6.38 -1.37 -13.24
N VAL A 116 -5.08 -1.17 -13.47
CA VAL A 116 -4.16 -0.83 -12.39
C VAL A 116 -4.68 0.37 -11.62
N MET A 117 -5.06 1.42 -12.35
CA MET A 117 -5.49 2.66 -11.71
CA MET A 117 -5.47 2.65 -11.69
C MET A 117 -6.75 2.44 -10.89
N ARG A 118 -7.62 1.59 -11.38
CA ARG A 118 -8.82 1.30 -10.67
C ARG A 118 -8.51 0.57 -9.34
N VAL A 119 -7.60 -0.38 -9.40
CA VAL A 119 -7.19 -1.10 -8.19
C VAL A 119 -6.53 -0.13 -7.22
N VAL A 120 -5.62 0.71 -7.73
CA VAL A 120 -4.91 1.66 -6.87
C VAL A 120 -5.90 2.65 -6.27
N TRP A 121 -6.91 3.05 -7.05
CA TRP A 121 -7.94 3.96 -6.55
C TRP A 121 -8.70 3.35 -5.38
N GLY A 122 -9.14 2.09 -5.53
CA GLY A 122 -9.76 1.39 -4.41
C GLY A 122 -8.84 1.29 -3.21
N ALA A 123 -7.56 0.96 -3.44
CA ALA A 123 -6.61 0.83 -2.33
C ALA A 123 -6.42 2.16 -1.62
N SER A 124 -6.41 3.28 -2.37
CA SER A 124 -6.13 4.58 -1.77
C SER A 124 -7.25 5.01 -0.83
N LYS A 125 -8.44 4.46 -0.96
CA LYS A 125 -9.53 4.86 -0.08
C LYS A 125 -9.29 4.37 1.34
N ALA A 126 -8.63 3.22 1.49
CA ALA A 126 -8.44 2.58 2.79
C ALA A 126 -7.07 2.87 3.40
N VAL A 127 -6.05 3.07 2.57
CA VAL A 127 -4.69 3.27 3.02
C VAL A 127 -4.11 4.43 2.23
N GLY A 128 -3.30 5.26 2.88
CA GLY A 128 -2.74 6.44 2.23
C GLY A 128 -1.83 6.09 1.08
N ILE A 129 -2.18 6.53 -0.14
CA ILE A 129 -1.39 6.25 -1.33
C ILE A 129 -1.39 7.50 -2.18
N TYR A 130 -0.22 8.12 -2.34
CA TYR A 130 -0.14 9.40 -3.03
C TYR A 130 -0.13 9.24 -4.55
N GLY A 131 0.20 8.06 -5.06
CA GLY A 131 0.08 7.80 -6.48
C GLY A 131 0.72 6.48 -6.87
N LEU A 132 0.85 6.28 -8.18
CA LEU A 132 1.37 5.04 -8.74
C LEU A 132 2.79 5.27 -9.23
N PHE A 133 3.73 4.51 -8.67
CA PHE A 133 5.15 4.62 -9.00
C PHE A 133 5.53 3.53 -10.01
N VAL A 134 6.40 3.87 -10.96
CA VAL A 134 6.88 2.87 -11.91
C VAL A 134 8.28 3.24 -12.38
N GLU A 135 9.14 2.23 -12.47
CA GLU A 135 10.44 2.37 -13.13
C GLU A 135 10.33 1.75 -14.52
N ALA A 136 10.45 2.59 -15.56
CA ALA A 136 10.37 2.10 -16.93
C ALA A 136 11.58 1.23 -17.26
N LEU A 137 11.33 0.08 -17.87
CA LEU A 137 12.41 -0.87 -18.15
C LEU A 137 13.32 -0.38 -19.26
N ASN A 138 12.78 0.38 -20.20
CA ASN A 138 13.52 0.85 -21.37
C ASN A 138 12.81 2.06 -21.94
N GLU A 139 13.37 2.61 -23.02
CA GLU A 139 12.83 3.82 -23.58
C GLU A 139 11.44 3.60 -24.17
N LYS A 140 11.22 2.40 -24.72
CA LYS A 140 9.92 2.05 -25.29
C LYS A 140 8.82 2.04 -24.22
N ALA A 141 9.13 1.47 -23.05
CA ALA A 141 8.20 1.47 -21.93
C ALA A 141 8.01 2.88 -21.37
N LYS A 142 9.09 3.66 -21.33
CA LYS A 142 9.00 5.01 -20.79
C LYS A 142 8.05 5.86 -21.63
N ALA A 143 8.20 5.80 -22.97
CA ALA A 143 7.31 6.56 -23.85
C ALA A 143 5.86 6.11 -23.70
N PHE A 144 5.65 4.81 -23.49
CA PHE A 144 4.29 4.29 -23.26
C PHE A 144 3.64 4.93 -22.03
N PHE A 145 4.36 4.97 -20.91
CA PHE A 145 3.76 5.51 -19.69
C PHE A 145 3.60 7.03 -19.80
N LEU A 146 4.58 7.72 -20.38
CA LEU A 146 4.47 9.17 -20.58
C LEU A 146 3.26 9.49 -21.42
N ARG A 147 2.99 8.65 -22.41
CA ARG A 147 1.87 8.93 -23.30
C ARG A 147 0.54 8.71 -22.59
N LEU A 148 0.49 7.88 -21.54
CA LEU A 148 -0.73 7.71 -20.76
C LEU A 148 -0.90 8.80 -19.69
N GLY A 149 0.07 9.70 -19.53
CA GLY A 149 -0.06 10.81 -18.61
C GLY A 149 0.81 10.76 -17.36
N PHE A 150 1.73 9.80 -17.27
CA PHE A 150 2.66 9.71 -16.15
C PHE A 150 3.60 10.92 -16.14
N ILE A 151 4.10 11.24 -14.94
CA ILE A 151 4.97 12.39 -14.72
C ILE A 151 6.40 11.90 -14.61
N GLN A 152 7.32 12.68 -15.09
CA GLN A 152 8.70 12.36 -15.02
C GLN A 152 9.25 12.76 -13.68
N LEU A 153 9.86 11.83 -12.99
CA LEU A 153 10.47 12.13 -11.71
C LEU A 153 11.98 12.35 -11.85
N VAL A 154 12.58 13.05 -10.89
CA VAL A 154 14.03 13.30 -10.84
C VAL A 154 14.41 14.24 -11.97
N ASP A 155 14.76 13.67 -13.11
CA ASP A 155 15.13 14.43 -14.29
C ASP A 155 14.60 13.79 -15.59
N GLU A 156 14.76 14.50 -16.69
CA GLU A 156 14.28 14.09 -17.99
C GLU A 156 14.96 12.81 -18.49
N ASN A 157 16.02 12.38 -17.86
CA ASN A 157 16.70 11.16 -18.30
C ASN A 157 16.58 10.01 -17.32
N SER A 158 15.78 10.13 -16.27
CA SER A 158 15.50 9.01 -15.38
C SER A 158 14.38 8.14 -15.94
N ASN A 159 14.38 6.88 -15.54
CA ASN A 159 13.27 6.00 -15.89
C ASN A 159 12.19 5.95 -14.81
N LEU A 160 12.28 6.79 -13.79
CA LEU A 160 11.30 6.79 -12.71
C LEU A 160 10.13 7.72 -13.07
N LEU A 161 8.93 7.16 -13.13
CA LEU A 161 7.72 7.87 -13.51
C LEU A 161 6.67 7.70 -12.43
N PHE A 162 5.62 8.53 -12.48
CA PHE A 162 4.68 8.64 -11.39
C PHE A 162 3.33 9.13 -11.91
N TYR A 163 2.26 8.55 -11.37
CA TYR A 163 0.90 8.99 -11.69
C TYR A 163 0.16 9.24 -10.38
N PRO A 164 -0.20 10.50 -10.08
CA PRO A 164 -0.74 10.82 -8.76
C PRO A 164 -2.15 10.30 -8.59
N THR A 165 -2.46 9.88 -7.36
CA THR A 165 -3.83 9.54 -7.01
C THR A 165 -4.79 10.68 -7.38
N LYS A 166 -4.32 11.93 -7.26
CA LYS A 166 -5.16 13.06 -7.66
C LYS A 166 -5.60 12.94 -9.12
N SER A 167 -4.71 12.48 -10.01
CA SER A 167 -5.14 12.29 -11.41
C SER A 167 -6.08 11.11 -11.54
N ILE A 168 -5.79 10.03 -10.80
CA ILE A 168 -6.64 8.84 -10.80
C ILE A 168 -8.06 9.18 -10.40
N GLU A 169 -8.21 10.01 -9.36
CA GLU A 169 -9.56 10.35 -8.89
C GLU A 169 -10.37 11.04 -9.98
N GLN A 170 -9.72 11.89 -10.79
CA GLN A 170 -10.42 12.53 -11.90
C GLN A 170 -10.90 11.52 -12.92
N LEU A 171 -10.15 10.43 -13.12
CA LEU A 171 -10.60 9.39 -14.03
C LEU A 171 -11.87 8.74 -13.52
N PHE A 172 -12.04 8.66 -12.21
CA PHE A 172 -13.11 7.86 -11.65
C PHE A 172 -14.09 8.72 -10.86
N GLN B 3 -19.35 1.65 27.72
CA GLN B 3 -19.08 2.64 26.66
C GLN B 3 -19.22 2.03 25.27
N GLN B 4 -20.33 2.34 24.60
CA GLN B 4 -20.59 1.84 23.25
C GLN B 4 -19.83 2.70 22.26
N LEU B 5 -18.58 2.35 22.00
CA LEU B 5 -17.75 3.05 21.03
C LEU B 5 -17.66 2.24 19.73
N THR B 6 -17.49 2.96 18.62
CA THR B 6 -17.36 2.35 17.31
C THR B 6 -16.20 2.99 16.56
N ILE B 7 -15.67 2.23 15.60
CA ILE B 7 -14.55 2.63 14.76
C ILE B 7 -15.06 2.91 13.35
N GLU B 8 -14.60 4.02 12.77
CA GLU B 8 -14.97 4.37 11.41
C GLU B 8 -13.81 5.13 10.78
N MET B 9 -13.75 5.08 9.44
CA MET B 9 -12.91 6.02 8.73
C MET B 9 -13.42 7.43 8.99
N ILE B 10 -12.49 8.38 9.15
CA ILE B 10 -12.90 9.73 9.50
C ILE B 10 -13.79 10.29 8.39
N ALA B 11 -14.92 10.84 8.79
CA ALA B 11 -15.93 11.30 7.85
C ALA B 11 -15.46 12.54 7.10
N ASP B 12 -16.01 12.72 5.90
CA ASP B 12 -15.61 13.85 5.04
C ASP B 12 -15.77 15.18 5.75
N ALA B 13 -16.87 15.35 6.49
CA ALA B 13 -17.09 16.63 7.16
C ALA B 13 -16.20 16.82 8.37
N PHE B 14 -15.69 15.73 8.94
CA PHE B 14 -14.87 15.79 10.16
C PHE B 14 -15.60 16.58 11.24
N SER B 15 -16.86 16.22 11.44
CA SER B 15 -17.74 16.84 12.41
C SER B 15 -17.62 16.20 13.78
N TYR B 16 -16.41 15.83 14.18
CA TYR B 16 -16.18 15.21 15.47
C TYR B 16 -15.95 16.25 16.55
N ASP B 17 -16.37 15.92 17.76
CA ASP B 17 -16.00 16.70 18.94
C ASP B 17 -14.64 16.23 19.42
N ILE B 18 -13.61 17.02 19.17
CA ILE B 18 -12.25 16.68 19.58
C ILE B 18 -11.76 17.58 20.71
N THR B 19 -12.61 18.47 21.22
CA THR B 19 -12.17 19.40 22.25
C THR B 19 -11.84 18.66 23.54
N GLY B 20 -10.66 18.90 24.07
CA GLY B 20 -10.23 18.18 25.25
C GLY B 20 -9.58 16.84 25.00
N PHE B 21 -9.30 16.50 23.74
CA PHE B 21 -8.66 15.22 23.46
C PHE B 21 -7.22 15.27 23.94
N ASP B 22 -6.82 14.25 24.70
CA ASP B 22 -5.47 14.20 25.24
C ASP B 22 -5.10 12.74 25.42
N CYS B 23 -4.22 12.23 24.58
CA CYS B 23 -3.70 10.87 24.74
C CYS B 23 -2.49 10.82 25.65
N GLY B 24 -1.98 11.96 26.09
CA GLY B 24 -0.80 12.02 26.93
C GLY B 24 0.50 12.21 26.19
N GLU B 25 0.46 12.25 24.86
CA GLU B 25 1.62 12.56 24.03
C GLU B 25 1.21 13.75 23.16
N GLU B 26 1.84 14.90 23.39
CA GLU B 26 1.35 16.12 22.77
C GLU B 26 1.45 16.07 21.25
N ALA B 27 2.45 15.38 20.71
CA ALA B 27 2.62 15.36 19.26
C ALA B 27 1.40 14.76 18.58
N LEU B 28 0.86 13.68 19.14
CA LEU B 28 -0.31 13.04 18.56
C LEU B 28 -1.59 13.81 18.84
N ASN B 29 -1.63 14.59 19.93
CA ASN B 29 -2.76 15.48 20.15
C ASN B 29 -2.75 16.62 19.14
N THR B 30 -1.58 17.20 18.92
CA THR B 30 -1.46 18.25 17.92
C THR B 30 -1.76 17.70 16.52
N PHE B 31 -1.32 16.47 16.23
CA PHE B 31 -1.54 15.93 14.89
C PHE B 31 -3.03 15.76 14.62
N LEU B 32 -3.78 15.23 15.59
CA LEU B 32 -5.22 15.15 15.45
C LEU B 32 -5.84 16.50 15.11
N LYS B 33 -5.36 17.57 15.76
CA LYS B 33 -5.99 18.88 15.61
C LYS B 33 -5.62 19.56 14.30
N GLU B 34 -4.35 19.48 13.90
CA GLU B 34 -3.84 20.31 12.82
C GLU B 34 -3.74 19.58 11.49
N HIS B 35 -3.39 18.29 11.50
CA HIS B 35 -2.91 17.64 10.29
C HIS B 35 -3.69 16.42 9.84
N LEU B 36 -4.41 15.74 10.74
CA LEU B 36 -5.03 14.47 10.39
C LEU B 36 -5.89 14.60 9.14
N LYS B 37 -6.84 15.52 9.16
CA LYS B 37 -7.81 15.63 8.09
C LYS B 37 -7.16 16.08 6.80
N ARG B 38 -6.20 16.99 6.87
CA ARG B 38 -5.59 17.51 5.64
C ARG B 38 -4.72 16.45 4.98
N GLN B 39 -3.99 15.66 5.76
CA GLN B 39 -3.17 14.62 5.16
C GLN B 39 -4.03 13.45 4.68
N HIS B 40 -5.15 13.19 5.34
CA HIS B 40 -6.14 12.24 4.84
C HIS B 40 -6.69 12.65 3.48
N ASP B 41 -7.12 13.91 3.35
CA ASP B 41 -7.63 14.37 2.05
C ASP B 41 -6.53 14.46 1.01
N GLY B 42 -5.29 14.69 1.43
CA GLY B 42 -4.15 14.78 0.53
C GLY B 42 -3.53 13.46 0.11
N GLN B 43 -4.13 12.32 0.49
CA GLN B 43 -3.66 11.00 0.05
C GLN B 43 -2.27 10.67 0.60
N ILE B 44 -1.91 11.29 1.72
CA ILE B 44 -0.68 10.98 2.44
C ILE B 44 -0.91 9.86 3.45
N LEU B 45 -2.12 9.75 3.94
CA LEU B 45 -2.53 8.75 4.91
C LEU B 45 -4.03 8.60 4.76
N ARG B 46 -4.57 7.56 5.39
CA ARG B 46 -6.02 7.46 5.62
C ARG B 46 -6.24 7.28 7.11
N GLY B 47 -7.23 8.00 7.63
CA GLY B 47 -7.46 8.12 9.06
C GLY B 47 -8.72 7.40 9.50
N TYR B 48 -8.65 6.79 10.68
CA TYR B 48 -9.78 6.09 11.28
C TYR B 48 -9.96 6.62 12.70
N ALA B 49 -11.20 6.69 13.15
CA ALA B 49 -11.50 7.27 14.45
C ALA B 49 -12.35 6.33 15.29
N LEU B 50 -12.07 6.32 16.58
CA LEU B 50 -12.86 5.64 17.59
C LEU B 50 -13.77 6.69 18.23
N VAL B 51 -15.09 6.51 18.10
CA VAL B 51 -16.04 7.59 18.33
C VAL B 51 -17.20 7.10 19.19
N SER B 52 -17.78 8.03 19.94
CA SER B 52 -18.95 7.77 20.78
C SER B 52 -20.23 7.88 19.96
N GLY B 53 -21.35 7.58 20.61
CA GLY B 53 -22.66 7.66 19.99
C GLY B 53 -23.44 8.93 20.27
N ASP B 54 -22.81 9.96 20.83
CA ASP B 54 -23.47 11.23 21.11
C ASP B 54 -23.97 11.89 19.82
N THR B 55 -24.86 12.88 19.97
CA THR B 55 -25.39 13.60 18.80
C THR B 55 -24.27 14.09 17.92
N VAL B 56 -23.34 14.85 18.50
CA VAL B 56 -22.03 15.10 17.90
C VAL B 56 -21.09 14.03 18.44
N PRO B 57 -20.68 13.07 17.62
CA PRO B 57 -19.80 12.01 18.14
C PRO B 57 -18.49 12.59 18.62
N ARG B 58 -18.08 12.16 19.80
CA ARG B 58 -16.81 12.55 20.37
C ARG B 58 -15.73 11.58 19.91
N LEU B 59 -14.56 12.12 19.59
CA LEU B 59 -13.46 11.30 19.13
C LEU B 59 -12.64 10.91 20.36
N LEU B 60 -12.52 9.61 20.60
CA LEU B 60 -11.77 9.08 21.73
C LEU B 60 -10.50 8.37 21.33
N GLY B 61 -10.25 8.20 20.03
CA GLY B 61 -9.02 7.62 19.56
C GLY B 61 -8.97 7.66 18.04
N TYR B 62 -7.78 7.47 17.50
CA TYR B 62 -7.65 7.49 16.04
C TYR B 62 -6.37 6.77 15.64
N TYR B 63 -6.28 6.41 14.34
CA TYR B 63 -5.04 5.88 13.79
C TYR B 63 -4.96 6.21 12.30
N THR B 64 -3.73 6.13 11.75
CA THR B 64 -3.50 6.43 10.35
C THR B 64 -2.69 5.31 9.67
N LEU B 65 -2.95 5.09 8.38
CA LEU B 65 -2.27 4.08 7.57
C LEU B 65 -1.72 4.70 6.30
N SER B 66 -0.48 4.34 5.96
CA SER B 66 0.15 4.80 4.73
C SER B 66 0.88 3.65 4.08
N GLY B 67 0.85 3.58 2.75
CA GLY B 67 1.66 2.62 2.05
C GLY B 67 3.14 2.92 2.21
N SER B 68 3.94 1.88 2.29
CA SER B 68 5.36 2.07 2.57
C SER B 68 6.12 0.85 2.10
N CYS B 69 7.43 0.89 2.29
CA CYS B 69 8.29 -0.28 2.18
C CYS B 69 9.46 -0.06 3.12
N PHE B 70 10.19 -1.13 3.41
CA PHE B 70 11.30 -1.05 4.35
C PHE B 70 12.38 -2.03 3.91
N GLU B 71 13.61 -1.73 4.34
CA GLU B 71 14.78 -2.49 3.91
C GLU B 71 14.66 -3.95 4.30
N ARG B 72 14.90 -4.83 3.34
CA ARG B 72 14.83 -6.27 3.58
C ARG B 72 15.74 -6.70 4.72
N GLY B 73 16.86 -6.02 4.92
CA GLY B 73 17.82 -6.42 5.94
C GLY B 73 17.32 -6.27 7.37
N MET B 74 16.27 -5.47 7.58
CA MET B 74 15.74 -5.28 8.93
C MET B 74 15.04 -6.53 9.45
N LEU B 75 14.66 -7.45 8.56
CA LEU B 75 13.99 -8.66 8.98
C LEU B 75 14.91 -9.52 9.86
N PRO B 76 14.41 -10.05 10.98
CA PRO B 76 15.29 -10.90 11.80
C PRO B 76 15.58 -12.23 11.17
N SER B 77 14.63 -12.81 10.43
CA SER B 77 14.81 -14.12 9.82
C SER B 77 15.56 -13.96 8.50
N LYS B 78 16.77 -14.52 8.43
CA LYS B 78 17.49 -14.55 7.16
C LYS B 78 16.76 -15.43 6.15
N THR B 79 15.98 -16.40 6.65
CA THR B 79 15.13 -17.20 5.77
C THR B 79 14.09 -16.32 5.09
N GLN B 80 13.42 -15.45 5.83
CA GLN B 80 12.46 -14.55 5.22
C GLN B 80 13.16 -13.63 4.27
N GLN B 81 14.34 -13.14 4.66
CA GLN B 81 15.08 -12.24 3.79
C GLN B 81 15.35 -12.86 2.43
N LYS B 82 15.73 -14.14 2.40
CA LYS B 82 15.98 -14.82 1.12
C LYS B 82 14.74 -14.91 0.25
N LYS B 83 13.55 -14.83 0.85
CA LYS B 83 12.32 -14.81 0.09
C LYS B 83 12.02 -13.44 -0.51
N ILE B 84 12.69 -12.39 -0.04
CA ILE B 84 12.47 -11.05 -0.59
C ILE B 84 13.57 -10.76 -1.60
N PRO B 85 13.30 -10.86 -2.91
CA PRO B 85 14.38 -10.76 -3.90
C PRO B 85 14.77 -9.34 -4.26
N TYR B 86 14.35 -8.35 -3.48
CA TYR B 86 14.58 -6.94 -3.77
C TYR B 86 15.10 -6.26 -2.51
N GLN B 87 15.53 -5.01 -2.67
CA GLN B 87 16.10 -4.28 -1.55
C GLN B 87 15.09 -4.02 -0.45
N ASN B 88 13.84 -3.78 -0.82
CA ASN B 88 12.79 -3.42 0.13
C ASN B 88 11.65 -4.42 0.07
N ALA B 89 11.10 -4.65 1.16
CA ALA B 89 9.86 -5.40 1.27
C ALA B 89 8.67 -4.43 1.32
N PRO B 90 7.59 -4.71 0.59
CA PRO B 90 6.45 -3.82 0.61
C PRO B 90 5.71 -3.93 1.93
N SER B 91 5.09 -2.82 2.33
CA SER B 91 4.44 -2.78 3.63
C SER B 91 3.36 -1.70 3.64
N VAL B 92 2.61 -1.69 4.75
CA VAL B 92 1.77 -0.58 5.18
C VAL B 92 2.32 -0.12 6.52
N THR B 93 2.36 1.19 6.74
CA THR B 93 2.87 1.75 7.98
C THR B 93 1.72 2.26 8.84
N LEU B 94 1.70 1.85 10.11
CA LEU B 94 0.84 2.48 11.10
C LEU B 94 1.55 3.74 11.55
N GLY B 95 1.17 4.87 10.96
CA GLY B 95 1.89 6.11 11.24
C GLY B 95 1.68 6.59 12.66
N ARG B 96 0.46 6.43 13.16
CA ARG B 96 0.04 6.97 14.45
C ARG B 96 -1.11 6.13 14.98
N LEU B 97 -1.15 6.02 16.31
CA LEU B 97 -2.26 5.40 17.02
C LEU B 97 -2.34 6.07 18.38
N ALA B 98 -3.54 6.47 18.79
CA ALA B 98 -3.70 7.18 20.05
C ALA B 98 -5.10 6.97 20.59
N ILE B 99 -5.19 6.80 21.91
CA ILE B 99 -6.44 6.67 22.64
C ILE B 99 -6.49 7.80 23.67
N ASP B 100 -7.67 8.41 23.83
CA ASP B 100 -7.81 9.47 24.80
C ASP B 100 -7.66 8.95 26.23
N LYS B 101 -7.02 9.76 27.08
CA LYS B 101 -6.76 9.36 28.47
C LYS B 101 -8.02 8.91 29.19
N SER B 102 -9.15 9.56 28.92
CA SER B 102 -10.38 9.22 29.61
C SER B 102 -10.78 7.77 29.41
N VAL B 103 -10.25 7.11 28.38
CA VAL B 103 -10.72 5.78 28.04
C VAL B 103 -9.57 4.80 27.82
N GLN B 104 -8.36 5.17 28.23
CA GLN B 104 -7.22 4.26 28.15
C GLN B 104 -7.32 3.15 29.21
N GLY B 105 -6.52 2.09 28.98
CA GLY B 105 -6.43 0.96 29.88
C GLY B 105 -7.61 0.01 29.91
N GLN B 106 -8.44 0.00 28.87
CA GLN B 106 -9.59 -0.89 28.77
C GLN B 106 -9.52 -1.80 27.56
N GLY B 107 -8.41 -1.82 26.82
CA GLY B 107 -8.34 -2.61 25.62
C GLY B 107 -8.73 -1.89 24.34
N TRP B 108 -9.08 -0.60 24.41
CA TRP B 108 -9.44 0.11 23.18
C TRP B 108 -8.25 0.21 22.24
N GLY B 109 -7.06 0.42 22.79
CA GLY B 109 -5.86 0.38 21.96
C GLY B 109 -5.74 -0.94 21.23
N GLU B 110 -5.91 -2.05 21.96
CA GLU B 110 -5.90 -3.36 21.34
C GLU B 110 -6.95 -3.47 20.24
N MET B 111 -8.15 -2.96 20.51
CA MET B 111 -9.24 -3.05 19.54
C MET B 111 -8.93 -2.26 18.28
N LEU B 112 -8.27 -1.10 18.42
CA LEU B 112 -7.87 -0.36 17.23
C LEU B 112 -6.87 -1.16 16.41
N VAL B 113 -5.91 -1.81 17.05
CA VAL B 113 -4.93 -2.61 16.31
C VAL B 113 -5.62 -3.77 15.59
N ALA B 114 -6.61 -4.39 16.21
CA ALA B 114 -7.36 -5.44 15.52
C ALA B 114 -8.05 -4.89 14.29
N HIS B 115 -8.62 -3.69 14.40
CA HIS B 115 -9.23 -3.06 13.24
C HIS B 115 -8.19 -2.73 12.17
N VAL B 116 -7.01 -2.26 12.58
CA VAL B 116 -5.91 -2.06 11.64
C VAL B 116 -5.63 -3.33 10.87
N MET B 117 -5.54 -4.46 11.60
CA MET B 117 -5.20 -5.73 10.97
C MET B 117 -6.20 -6.10 9.88
N ARG B 118 -7.48 -5.88 10.14
CA ARG B 118 -8.50 -6.22 9.15
C ARG B 118 -8.39 -5.35 7.91
N VAL B 119 -8.07 -4.06 8.09
CA VAL B 119 -7.89 -3.18 6.94
C VAL B 119 -6.69 -3.60 6.12
N VAL B 120 -5.57 -3.88 6.79
CA VAL B 120 -4.36 -4.28 6.10
C VAL B 120 -4.55 -5.64 5.42
N TRP B 121 -5.30 -6.53 6.06
CA TRP B 121 -5.62 -7.81 5.44
C TRP B 121 -6.36 -7.60 4.14
N GLY B 122 -7.43 -6.79 4.17
CA GLY B 122 -8.13 -6.47 2.95
C GLY B 122 -7.22 -5.87 1.89
N ALA B 123 -6.33 -4.96 2.30
CA ALA B 123 -5.42 -4.31 1.37
C ALA B 123 -4.43 -5.30 0.76
N SER B 124 -3.97 -6.27 1.55
CA SER B 124 -2.94 -7.20 1.10
C SER B 124 -3.44 -8.10 -0.03
N LYS B 125 -4.75 -8.29 -0.16
CA LYS B 125 -5.27 -9.12 -1.23
C LYS B 125 -5.16 -8.43 -2.59
N ALA B 126 -5.22 -7.11 -2.62
CA ALA B 126 -5.25 -6.36 -3.87
C ALA B 126 -3.89 -5.86 -4.29
N VAL B 127 -3.01 -5.59 -3.33
CA VAL B 127 -1.69 -5.04 -3.57
C VAL B 127 -0.70 -5.77 -2.68
N GLY B 128 0.51 -5.97 -3.18
CA GLY B 128 1.51 -6.68 -2.40
C GLY B 128 1.91 -5.97 -1.12
N ILE B 129 1.65 -6.58 0.02
CA ILE B 129 1.93 -6.00 1.34
C ILE B 129 2.46 -7.11 2.23
N TYR B 130 3.74 -7.06 2.55
CA TYR B 130 4.38 -8.14 3.29
C TYR B 130 4.07 -8.08 4.78
N GLY B 131 3.66 -6.93 5.28
CA GLY B 131 3.18 -6.84 6.64
C GLY B 131 2.98 -5.39 7.05
N LEU B 132 2.75 -5.21 8.35
CA LEU B 132 2.47 -3.91 8.93
C LEU B 132 3.70 -3.41 9.67
N PHE B 133 4.21 -2.25 9.25
CA PHE B 133 5.40 -1.65 9.82
C PHE B 133 4.98 -0.57 10.81
N VAL B 134 5.69 -0.45 11.92
CA VAL B 134 5.39 0.60 12.88
C VAL B 134 6.68 1.03 13.58
N GLU B 135 6.83 2.34 13.76
CA GLU B 135 7.92 2.89 14.55
C GLU B 135 7.35 3.26 15.92
N ALA B 136 7.77 2.53 16.95
CA ALA B 136 7.27 2.81 18.29
C ALA B 136 7.76 4.17 18.74
N LEU B 137 6.84 4.99 19.24
CA LEU B 137 7.17 6.38 19.58
C LEU B 137 8.06 6.45 20.82
N ASN B 138 7.91 5.49 21.73
CA ASN B 138 8.68 5.44 22.96
C ASN B 138 8.61 4.01 23.49
N GLU B 139 9.27 3.79 24.62
CA GLU B 139 9.36 2.43 25.15
C GLU B 139 8.01 1.89 25.59
N LYS B 140 7.13 2.77 26.07
CA LYS B 140 5.78 2.39 26.49
C LYS B 140 4.96 1.86 25.32
N ALA B 141 5.05 2.55 24.19
CA ALA B 141 4.38 2.11 22.98
C ALA B 141 5.01 0.82 22.44
N LYS B 142 6.33 0.71 22.54
CA LYS B 142 7.02 -0.48 22.05
C LYS B 142 6.57 -1.72 22.81
N ALA B 143 6.52 -1.64 24.14
CA ALA B 143 6.05 -2.78 24.92
C ALA B 143 4.62 -3.12 24.56
N PHE B 144 3.80 -2.10 24.28
CA PHE B 144 2.42 -2.32 23.84
C PHE B 144 2.39 -3.18 22.58
N PHE B 145 3.20 -2.83 21.58
CA PHE B 145 3.16 -3.56 20.32
C PHE B 145 3.79 -4.95 20.47
N LEU B 146 4.86 -5.06 21.25
CA LEU B 146 5.49 -6.35 21.48
C LEU B 146 4.52 -7.33 22.12
N ARG B 147 3.67 -6.86 23.03
CA ARG B 147 2.73 -7.75 23.70
C ARG B 147 1.65 -8.25 22.74
N LEU B 148 1.28 -7.42 21.76
CA LEU B 148 0.33 -7.82 20.73
C LEU B 148 0.94 -8.76 19.70
N GLY B 149 2.24 -9.02 19.77
CA GLY B 149 2.88 -9.99 18.91
C GLY B 149 3.74 -9.41 17.82
N PHE B 150 3.96 -8.10 17.80
CA PHE B 150 4.84 -7.53 16.79
C PHE B 150 6.24 -8.06 17.00
N ILE B 151 7.00 -8.15 15.92
CA ILE B 151 8.35 -8.70 15.97
C ILE B 151 9.33 -7.54 15.85
N GLN B 152 10.48 -7.75 16.43
CA GLN B 152 11.46 -6.73 16.47
C GLN B 152 12.38 -6.71 15.29
N LEU B 153 12.51 -5.58 14.68
CA LEU B 153 13.38 -5.39 13.54
C LEU B 153 14.72 -4.80 13.99
N VAL B 154 15.77 -4.92 13.17
CA VAL B 154 17.09 -4.37 13.47
C VAL B 154 17.64 -4.97 14.76
N ASP B 155 18.07 -4.17 15.72
CA ASP B 155 18.57 -4.72 16.98
C ASP B 155 17.54 -4.73 18.09
N GLU B 156 17.88 -5.23 19.26
CA GLU B 156 16.93 -5.31 20.38
C GLU B 156 16.49 -4.00 21.02
N ASN B 157 17.19 -2.92 20.73
CA ASN B 157 16.80 -1.59 21.19
C ASN B 157 16.32 -0.66 20.07
N SER B 158 16.01 -1.19 18.89
CA SER B 158 15.38 -0.37 17.87
C SER B 158 13.89 -0.24 18.18
N ASN B 159 13.30 0.85 17.70
CA ASN B 159 11.86 1.06 17.81
C ASN B 159 11.09 0.58 16.60
N LEU B 160 11.76 -0.08 15.66
CA LEU B 160 11.12 -0.55 14.44
C LEU B 160 10.56 -1.94 14.67
N LEU B 161 9.24 -2.08 14.52
CA LEU B 161 8.54 -3.33 14.72
C LEU B 161 7.75 -3.67 13.48
N PHE B 162 7.26 -4.91 13.41
CA PHE B 162 6.70 -5.43 12.19
C PHE B 162 5.74 -6.55 12.53
N TYR B 163 4.61 -6.59 11.84
CA TYR B 163 3.66 -7.69 11.99
C TYR B 163 3.39 -8.27 10.61
N PRO B 164 3.81 -9.51 10.34
CA PRO B 164 3.74 -10.02 8.95
C PRO B 164 2.32 -10.32 8.51
N THR B 165 2.06 -10.02 7.24
CA THR B 165 0.79 -10.41 6.59
C THR B 165 0.50 -11.90 6.79
N LYS B 166 1.55 -12.72 6.77
CA LYS B 166 1.38 -14.15 7.01
C LYS B 166 0.66 -14.42 8.32
N SER B 167 1.00 -13.65 9.36
CA SER B 167 0.31 -13.78 10.65
C SER B 167 -1.07 -13.14 10.61
N ILE B 168 -1.20 -12.01 9.90
CA ILE B 168 -2.51 -11.35 9.80
C ILE B 168 -3.55 -12.31 9.23
N GLU B 169 -3.20 -13.02 8.15
CA GLU B 169 -4.19 -13.90 7.52
C GLU B 169 -4.60 -15.04 8.46
N GLN B 170 -3.70 -15.50 9.33
CA GLN B 170 -4.07 -16.48 10.35
C GLN B 170 -5.15 -15.94 11.28
N LEU B 171 -5.19 -14.63 11.49
CA LEU B 171 -6.20 -14.03 12.36
C LEU B 171 -7.61 -14.20 11.80
N PHE B 172 -7.77 -14.25 10.48
CA PHE B 172 -9.07 -14.17 9.84
C PHE B 172 -9.46 -15.43 9.07
N THR B 173 -8.91 -16.59 9.45
CA THR B 173 -9.31 -17.85 8.82
C THR B 173 -10.76 -18.20 9.15
N1A ACO C . 5.85 5.06 -27.81
C2A ACO C . 4.79 5.88 -27.95
N3A ACO C . 3.53 5.46 -27.76
C4A ACO C . 3.26 4.18 -27.40
C5A ACO C . 4.36 3.23 -27.24
C6A ACO C . 5.73 3.77 -27.47
N6A ACO C . 6.82 2.98 -27.35
N7A ACO C . 3.82 2.04 -26.90
C8A ACO C . 2.47 2.22 -26.85
N9A ACO C . 2.15 3.49 -27.15
C1B ACO C . 0.80 4.08 -27.21
C2B ACO C . 0.04 3.54 -28.40
O2B ACO C . 0.34 4.25 -29.60
C3B ACO C . -1.37 3.76 -27.92
O3B ACO C . -1.70 5.13 -28.09
P3B ACO C . -2.78 5.56 -29.18
O7A ACO C . -2.08 5.27 -30.49
O8A ACO C . -3.95 4.64 -28.88
O9A ACO C . -3.04 7.02 -28.89
C4B ACO C . -1.32 3.53 -26.42
O4B ACO C . 0.06 3.71 -26.05
C5B ACO C . -1.78 2.12 -26.04
O5B ACO C . -0.83 1.16 -26.47
P1A ACO C . -1.17 -0.40 -26.36
O1A ACO C . -1.54 -0.89 -27.75
O2A ACO C . -2.14 -0.60 -25.23
O3A ACO C . 0.29 -0.93 -25.95
P2A ACO C . 0.67 -2.50 -25.89
O4A ACO C . -0.59 -3.29 -25.72
O5A ACO C . 1.65 -2.81 -26.98
O6A ACO C . 1.46 -2.46 -24.50
CBP ACO C . 3.66 -2.63 -23.61
CCP ACO C . 2.72 -1.80 -24.45
CDP ACO C . 3.05 -3.02 -22.27
CEP ACO C . 4.91 -1.79 -23.38
CAP ACO C . 3.94 -3.88 -24.44
OAP ACO C . 4.60 -3.44 -25.64
C9P ACO C . 4.85 -4.85 -23.76
O9P ACO C . 4.39 -5.78 -23.10
N8P ACO C . 6.14 -4.62 -23.95
C7P ACO C . 7.18 -5.54 -23.53
C6P ACO C . 7.36 -5.54 -22.02
C5P ACO C . 7.60 -4.14 -21.54
O5P ACO C . 8.43 -3.43 -22.08
N4P ACO C . 6.84 -3.73 -20.52
C3P ACO C . 7.10 -2.49 -19.83
C2P ACO C . 8.10 -2.65 -18.71
S1P ACO C . 7.91 -1.36 -17.53
C ACO C . 7.43 -2.29 -16.26
O ACO C . 6.97 -3.40 -16.48
CH3 ACO C . 7.60 -1.76 -14.87
C ACT D . -2.15 -0.56 -0.12
O ACT D . -2.54 -1.11 -1.19
OXT ACT D . -3.01 -0.45 0.80
CH3 ACT D . -0.74 -0.06 0.04
N1A ACO E . -8.78 -6.33 26.55
C2A ACO E . -7.47 -6.06 26.62
N3A ACO E . -6.90 -5.35 27.61
C4A ACO E . -7.64 -4.85 28.63
C5A ACO E . -9.10 -5.12 28.63
C6A ACO E . -9.65 -5.91 27.50
N6A ACO E . -10.98 -6.19 27.45
N7A ACO E . -9.61 -4.54 29.73
C8A ACO E . -8.57 -3.96 30.38
N9A ACO E . -7.40 -4.14 29.75
C1B ACO E . -6.10 -3.59 30.23
C2B ACO E . -5.01 -4.62 30.48
O2B ACO E . -4.90 -4.90 31.88
C3B ACO E . -3.74 -3.98 29.94
O3B ACO E . -3.05 -3.32 31.01
P3B ACO E . -1.44 -3.25 31.08
O7A ACO E . -1.03 -4.58 31.67
O8A ACO E . -1.02 -3.05 29.65
O9A ACO E . -1.18 -2.06 31.97
C4B ACO E . -4.22 -2.90 28.99
O4B ACO E . -5.61 -2.67 29.25
C5B ACO E . -4.07 -3.26 27.52
O5B ACO E . -3.80 -2.07 26.79
P1A ACO E . -4.96 -1.24 26.05
O1A ACO E . -5.99 -0.82 27.05
O2A ACO E . -5.40 -1.96 24.80
O3A ACO E . -4.11 0.04 25.58
P2A ACO E . -4.63 1.54 25.77
O4A ACO E . -6.12 1.61 25.51
O5A ACO E . -4.07 2.11 27.05
O6A ACO E . -3.86 2.21 24.53
CBP ACO E . -1.95 3.37 23.72
CCP ACO E . -2.44 2.15 24.48
CDP ACO E . -2.73 3.51 22.42
CEP ACO E . -0.47 3.24 23.44
CAP ACO E . -2.21 4.54 24.68
OAP ACO E . -1.39 4.35 25.83
C9P ACO E . -1.89 5.86 24.05
O9P ACO E . -2.71 6.46 23.36
N8P ACO E . -0.68 6.33 24.33
C7P ACO E . -0.32 7.71 24.10
C6P ACO E . 0.04 7.96 22.65
C5P ACO E . 0.92 6.84 22.16
O5P ACO E . 2.02 6.66 22.66
N4P ACO E . 0.40 6.07 21.21
C3P ACO E . 1.09 4.89 20.72
C2P ACO E . 2.25 5.23 19.80
S1P ACO E . 1.76 4.87 18.14
C ACO E . 3.28 4.71 17.52
O ACO E . 4.21 4.59 18.31
CH3 ACO E . 3.47 4.72 16.03
#